data_6AT5
#
_entry.id   6AT5
#
_cell.length_a   50.194
_cell.length_b   82.066
_cell.length_c   112.047
_cell.angle_alpha   90.00
_cell.angle_beta   90.00
_cell.angle_gamma   90.00
#
_symmetry.space_group_name_H-M   'P 21 21 21'
#
loop_
_entity.id
_entity.type
_entity.pdbx_description
1 polymer 'HLA class I histocompatibility antigen, B-7 alpha chain'
2 polymer Beta-2-microglobulin
3 polymer 'Cancer/testis antigen 1 peptide'
4 water water
#
loop_
_entity_poly.entity_id
_entity_poly.type
_entity_poly.pdbx_seq_one_letter_code
_entity_poly.pdbx_strand_id
1 'polypeptide(L)'
;MLVMAPRTVLLLLSAALALTETWAGSHSMRYFYTSVSRPGRGEPRFISVGYVDDTQFVRFDSDAASPREEPRAPWIEQEG
PEYWDRNTQIYKAQAQTDRESLRNLRGYYNQSEAGSHTLQSMYGCDVGPDGRLLRGHDQYAYDGKDYIALNEDLRSWTAA
DTAAQITQRKWEAAREAEQRRAYLEGECVEWLRRYLENGKDKLERADPPKTHVTHHPISDHEATLRCWALGFYPAEITLT
WQRDGEDQTQDTELVETRPAGDRTFQKWAAVVVPSGEEQRYTCHVQHEGLPKPLTLRWEPSSQSTVPIVGIVAGLAVLAV
VVIGAVVAAVMCRRKSSGGKGGSYSQAACSDSAQGSDVSLTA
;
A
2 'polypeptide(L)'
;MSRSVALAVLALLSLSGLEAIQRTPKIQVYSRHPAENGKSNFLNCYVSGFHPSDIEVDLLKNGERIEKVEHSDLSFSKDW
SFYLLYYTEFTPTEKDEYACRVNHVTLSQPKIVKWDRDM
;
B
3 'polypeptide(L)' APRGPHGGAASGL C
#
# COMPACT_ATOMS: atom_id res chain seq x y z
N GLY A 25 -20.00 -0.82 6.58
CA GLY A 25 -20.24 -0.23 5.27
C GLY A 25 -19.68 -1.08 4.16
N SER A 26 -19.00 -0.43 3.21
CA SER A 26 -18.38 -1.12 2.08
C SER A 26 -17.06 -1.79 2.48
N HIS A 27 -16.77 -2.92 1.87
CA HIS A 27 -15.50 -3.61 2.13
C HIS A 27 -14.89 -4.14 0.85
N SER A 28 -13.59 -4.32 0.86
CA SER A 28 -12.88 -4.82 -0.31
C SER A 28 -11.92 -5.91 0.07
N MET A 29 -11.71 -6.84 -0.85
CA MET A 29 -10.61 -7.79 -0.76
C MET A 29 -9.76 -7.61 -2.00
N ARG A 30 -8.44 -7.61 -1.80
CA ARG A 30 -7.51 -7.38 -2.88
C ARG A 30 -6.29 -8.26 -2.73
N TYR A 31 -5.87 -8.85 -3.84
CA TYR A 31 -4.58 -9.49 -3.92
C TYR A 31 -3.67 -8.67 -4.81
N PHE A 32 -2.41 -8.56 -4.37
CA PHE A 32 -1.37 -7.79 -5.06
C PHE A 32 -0.20 -8.71 -5.33
N TYR A 33 0.01 -9.02 -6.60
CA TYR A 33 1.14 -9.86 -7.03
C TYR A 33 2.23 -9.00 -7.65
N THR A 34 3.48 -9.29 -7.30
CA THR A 34 4.62 -8.64 -7.93
C THR A 34 5.61 -9.72 -8.38
N SER A 35 5.92 -9.75 -9.68
CA SER A 35 6.96 -10.61 -10.19
C SER A 35 8.05 -9.75 -10.78
N VAL A 36 9.30 -10.02 -10.38
CA VAL A 36 10.41 -9.19 -10.83
C VAL A 36 11.50 -10.07 -11.38
N SER A 37 11.87 -9.86 -12.64
CA SER A 37 12.97 -10.62 -13.20
C SER A 37 14.29 -10.02 -12.78
N ARG A 38 15.31 -10.84 -12.78
CA ARG A 38 16.63 -10.45 -12.30
C ARG A 38 17.70 -11.27 -13.02
N PRO A 39 17.84 -11.06 -14.33
CA PRO A 39 18.79 -11.87 -15.10
C PRO A 39 20.18 -11.93 -14.47
N GLY A 40 20.69 -13.15 -14.33
CA GLY A 40 22.01 -13.36 -13.76
C GLY A 40 21.93 -13.64 -12.28
N ARG A 41 20.74 -13.44 -11.71
CA ARG A 41 20.55 -13.60 -10.27
C ARG A 41 19.36 -14.50 -9.97
N GLY A 42 19.16 -15.50 -10.83
CA GLY A 42 18.13 -16.48 -10.60
C GLY A 42 16.86 -16.21 -11.37
N GLU A 43 15.85 -17.03 -11.10
CA GLU A 43 14.55 -16.87 -11.73
C GLU A 43 13.81 -15.72 -11.07
N PRO A 44 12.76 -15.20 -11.74
CA PRO A 44 12.03 -14.08 -11.17
C PRO A 44 11.42 -14.35 -9.80
N ARG A 45 11.47 -13.34 -8.93
CA ARG A 45 10.85 -13.47 -7.62
C ARG A 45 9.37 -13.18 -7.74
N PHE A 46 8.55 -14.01 -7.09
CA PHE A 46 7.11 -13.80 -7.01
C PHE A 46 6.70 -13.56 -5.58
N ILE A 47 6.03 -12.44 -5.37
N ILE A 47 6.03 -12.43 -5.34
CA ILE A 47 5.43 -12.19 -4.08
CA ILE A 47 5.48 -12.14 -4.01
C ILE A 47 3.95 -11.89 -4.23
C ILE A 47 4.03 -11.69 -4.09
N SER A 48 3.19 -12.26 -3.23
CA SER A 48 1.79 -11.89 -3.18
C SER A 48 1.45 -11.43 -1.78
N VAL A 49 0.65 -10.37 -1.69
CA VAL A 49 0.07 -10.00 -0.42
C VAL A 49 -1.44 -9.89 -0.61
N GLY A 50 -2.18 -10.24 0.44
CA GLY A 50 -3.62 -10.15 0.42
C GLY A 50 -4.11 -9.17 1.46
N TYR A 51 -5.12 -8.38 1.10
CA TYR A 51 -5.69 -7.36 1.97
C TYR A 51 -7.20 -7.50 2.05
N VAL A 52 -7.75 -7.24 3.23
CA VAL A 52 -9.15 -6.86 3.35
C VAL A 52 -9.14 -5.41 3.79
N ASP A 53 -9.75 -4.53 2.98
CA ASP A 53 -9.66 -3.09 3.22
C ASP A 53 -8.20 -2.69 3.39
N ASP A 54 -7.86 -2.01 4.49
CA ASP A 54 -6.48 -1.59 4.72
C ASP A 54 -5.69 -2.54 5.63
N THR A 55 -6.16 -3.78 5.73
CA THR A 55 -5.56 -4.78 6.60
C THR A 55 -4.95 -5.92 5.79
N GLN A 56 -3.63 -6.03 5.81
CA GLN A 56 -2.99 -7.17 5.18
C GLN A 56 -3.23 -8.42 6.02
N PHE A 57 -3.54 -9.55 5.37
CA PHE A 57 -3.82 -10.76 6.14
C PHE A 57 -3.07 -12.01 5.67
N VAL A 58 -2.47 -11.97 4.48
CA VAL A 58 -1.62 -13.07 4.02
C VAL A 58 -0.45 -12.58 3.19
N ARG A 59 0.58 -13.41 3.09
CA ARG A 59 1.69 -13.17 2.19
C ARG A 59 2.19 -14.49 1.65
N PHE A 60 2.84 -14.40 0.49
CA PHE A 60 3.59 -15.51 -0.08
C PHE A 60 4.82 -14.94 -0.78
N ASP A 61 5.96 -15.61 -0.64
CA ASP A 61 7.23 -15.12 -1.18
C ASP A 61 8.01 -16.31 -1.72
N SER A 62 8.27 -16.32 -3.03
CA SER A 62 9.00 -17.44 -3.63
C SER A 62 10.47 -17.48 -3.16
N ASP A 63 10.94 -16.39 -2.57
CA ASP A 63 12.30 -16.32 -2.05
C ASP A 63 12.39 -16.77 -0.59
N ALA A 64 11.24 -17.11 0.01
CA ALA A 64 11.26 -17.65 1.37
C ALA A 64 11.98 -18.99 1.40
N ALA A 65 12.55 -19.34 2.57
CA ALA A 65 13.25 -20.61 2.72
C ALA A 65 12.39 -21.79 2.29
N SER A 66 11.14 -21.80 2.75
CA SER A 66 10.17 -22.80 2.35
C SER A 66 8.86 -22.11 1.96
N PRO A 67 8.77 -21.65 0.70
CA PRO A 67 7.63 -20.82 0.25
C PRO A 67 6.28 -21.42 0.56
N ARG A 68 5.47 -20.62 1.25
CA ARG A 68 4.17 -21.07 1.73
C ARG A 68 3.35 -19.83 2.03
N GLU A 69 2.04 -19.90 1.82
CA GLU A 69 1.20 -18.79 2.24
C GLU A 69 1.26 -18.73 3.76
N GLU A 70 1.47 -17.52 4.27
CA GLU A 70 1.61 -17.32 5.70
C GLU A 70 0.59 -16.31 6.20
N PRO A 71 0.09 -16.51 7.42
CA PRO A 71 -0.89 -15.58 7.99
C PRO A 71 -0.23 -14.29 8.45
N ARG A 72 -0.92 -13.17 8.27
CA ARG A 72 -0.40 -11.88 8.70
C ARG A 72 -1.45 -11.10 9.49
N ALA A 73 -2.56 -11.76 9.81
CA ALA A 73 -3.60 -11.19 10.66
C ALA A 73 -4.15 -12.26 11.61
N PRO A 74 -4.51 -11.87 12.83
CA PRO A 74 -4.91 -12.87 13.83
C PRO A 74 -6.13 -13.68 13.41
N TRP A 75 -7.08 -13.05 12.71
CA TRP A 75 -8.34 -13.70 12.39
C TRP A 75 -8.25 -14.70 11.24
N ILE A 76 -7.11 -14.77 10.55
CA ILE A 76 -6.96 -15.73 9.46
C ILE A 76 -6.24 -16.99 9.95
N GLU A 77 -5.66 -16.92 11.14
CA GLU A 77 -4.85 -18.04 11.64
C GLU A 77 -5.69 -19.30 11.92
N GLN A 78 -7.00 -19.14 12.01
CA GLN A 78 -7.87 -20.26 12.30
C GLN A 78 -8.16 -21.14 11.09
N GLU A 79 -7.80 -20.68 9.89
CA GLU A 79 -8.01 -21.49 8.71
C GLU A 79 -7.18 -22.77 8.80
N GLY A 80 -7.77 -23.88 8.36
CA GLY A 80 -7.14 -25.19 8.49
C GLY A 80 -5.98 -25.40 7.55
N PRO A 81 -5.25 -26.52 7.72
CA PRO A 81 -4.12 -26.85 6.85
C PRO A 81 -4.52 -26.91 5.38
N GLU A 82 -5.76 -27.34 5.10
CA GLU A 82 -6.25 -27.42 3.72
C GLU A 82 -6.18 -26.06 3.01
N TYR A 83 -6.52 -25.01 3.74
CA TYR A 83 -6.54 -23.64 3.23
C TYR A 83 -5.15 -23.19 2.80
N TRP A 84 -4.21 -23.27 3.73
CA TRP A 84 -2.82 -22.92 3.46
C TRP A 84 -2.21 -23.77 2.35
N ASP A 85 -2.52 -25.06 2.30
CA ASP A 85 -1.95 -25.93 1.28
C ASP A 85 -2.48 -25.53 -0.10
N ARG A 86 -3.80 -25.41 -0.19
CA ARG A 86 -4.44 -25.09 -1.46
C ARG A 86 -3.90 -23.77 -1.99
N ASN A 87 -3.90 -22.77 -1.13
CA ASN A 87 -3.46 -21.45 -1.56
C ASN A 87 -1.99 -21.43 -1.94
N THR A 88 -1.17 -22.16 -1.18
CA THR A 88 0.24 -22.28 -1.50
C THR A 88 0.45 -22.86 -2.90
N GLN A 89 -0.29 -23.93 -3.22
CA GLN A 89 -0.24 -24.50 -4.57
C GLN A 89 -0.62 -23.46 -5.62
N ILE A 90 -1.68 -22.70 -5.34
CA ILE A 90 -2.08 -21.64 -6.26
C ILE A 90 -0.97 -20.60 -6.50
N TYR A 91 -0.32 -20.14 -5.43
CA TYR A 91 0.77 -19.17 -5.59
C TYR A 91 1.97 -19.73 -6.35
N LYS A 92 2.35 -20.97 -6.07
CA LYS A 92 3.52 -21.53 -6.77
C LYS A 92 3.23 -21.66 -8.29
N ALA A 93 2.02 -22.14 -8.58
CA ALA A 93 1.60 -22.23 -9.97
C ALA A 93 1.59 -20.85 -10.63
N GLN A 94 1.10 -19.85 -9.90
CA GLN A 94 1.02 -18.49 -10.41
C GLN A 94 2.40 -17.89 -10.66
N ALA A 95 3.36 -18.23 -9.80
CA ALA A 95 4.74 -17.77 -9.97
C ALA A 95 5.26 -18.32 -11.30
N GLN A 96 5.02 -19.61 -11.55
CA GLN A 96 5.45 -20.17 -12.85
C GLN A 96 4.77 -19.48 -14.05
N THR A 97 3.46 -19.29 -13.94
CA THR A 97 2.70 -18.63 -14.99
C THR A 97 3.24 -17.21 -15.25
N ASP A 98 3.58 -16.50 -14.18
CA ASP A 98 4.13 -15.16 -14.27
C ASP A 98 5.50 -15.17 -14.94
N ARG A 99 6.30 -16.20 -14.69
CA ARG A 99 7.59 -16.27 -15.37
C ARG A 99 7.38 -16.40 -16.89
N GLU A 100 6.41 -17.23 -17.27
CA GLU A 100 6.08 -17.31 -18.71
C GLU A 100 5.57 -15.96 -19.26
N SER A 101 4.70 -15.31 -18.49
CA SER A 101 4.19 -14.00 -18.88
C SER A 101 5.30 -12.99 -19.08
N LEU A 102 6.29 -13.00 -18.19
CA LEU A 102 7.41 -12.06 -18.29
C LEU A 102 8.21 -12.33 -19.56
N ARG A 103 8.41 -13.61 -19.87
CA ARG A 103 9.06 -13.94 -21.16
C ARG A 103 8.28 -13.34 -22.36
N ASN A 104 6.96 -13.62 -22.37
CA ASN A 104 6.11 -13.10 -23.44
C ASN A 104 6.15 -11.59 -23.56
N LEU A 105 6.06 -10.89 -22.42
CA LEU A 105 6.06 -9.43 -22.39
C LEU A 105 7.35 -8.86 -22.94
N ARG A 106 8.46 -9.49 -22.55
CA ARG A 106 9.76 -9.19 -23.14
C ARG A 106 9.62 -9.20 -24.66
N GLY A 107 9.08 -10.30 -25.19
CA GLY A 107 8.86 -10.36 -26.64
C GLY A 107 7.95 -9.26 -27.20
N TYR A 108 6.86 -8.98 -26.50
CA TYR A 108 5.86 -8.03 -26.97
C TYR A 108 6.42 -6.62 -27.07
N TYR A 109 7.43 -6.32 -26.28
CA TYR A 109 8.02 -4.97 -26.32
C TYR A 109 9.41 -4.93 -26.97
N ASN A 110 9.77 -6.02 -27.62
CA ASN A 110 11.06 -6.14 -28.33
C ASN A 110 12.24 -5.90 -27.40
N GLN A 111 12.15 -6.43 -26.18
CA GLN A 111 13.17 -6.20 -25.18
C GLN A 111 14.13 -7.38 -25.11
N SER A 112 15.37 -7.12 -24.72
CA SER A 112 16.36 -8.19 -24.63
C SER A 112 16.16 -9.01 -23.36
N GLU A 113 17.03 -9.98 -23.16
CA GLU A 113 16.96 -10.82 -21.96
C GLU A 113 17.80 -10.25 -20.84
N ALA A 114 18.50 -9.16 -21.11
CA ALA A 114 19.47 -8.60 -20.16
C ALA A 114 18.85 -7.74 -19.06
N GLY A 115 17.73 -7.10 -19.34
CA GLY A 115 17.16 -6.16 -18.39
C GLY A 115 16.22 -6.80 -17.37
N SER A 116 16.02 -6.10 -16.25
CA SER A 116 15.02 -6.51 -15.27
C SER A 116 13.68 -5.85 -15.57
N HIS A 117 12.60 -6.60 -15.38
CA HIS A 117 11.26 -6.10 -15.61
C HIS A 117 10.32 -6.53 -14.51
N THR A 118 9.20 -5.81 -14.41
CA THR A 118 8.22 -6.03 -13.36
C THR A 118 6.84 -6.30 -13.94
N LEU A 119 6.20 -7.35 -13.45
CA LEU A 119 4.80 -7.60 -13.75
C LEU A 119 4.00 -7.54 -12.47
N GLN A 120 3.01 -6.67 -12.43
CA GLN A 120 2.14 -6.54 -11.27
C GLN A 120 0.72 -6.90 -11.62
N SER A 121 0.06 -7.55 -10.67
CA SER A 121 -1.31 -8.01 -10.81
C SER A 121 -2.10 -7.52 -9.60
N MET A 122 -3.29 -7.02 -9.82
CA MET A 122 -4.09 -6.52 -8.73
C MET A 122 -5.52 -6.92 -9.01
N TYR A 123 -6.14 -7.66 -8.09
CA TYR A 123 -7.51 -8.09 -8.35
C TYR A 123 -8.30 -8.26 -7.08
N GLY A 124 -9.62 -8.22 -7.21
CA GLY A 124 -10.46 -8.53 -6.07
C GLY A 124 -11.84 -7.95 -6.18
N CYS A 125 -12.53 -7.91 -5.06
CA CYS A 125 -13.94 -7.57 -5.09
C CYS A 125 -14.30 -6.55 -4.01
N ASP A 126 -15.31 -5.73 -4.30
CA ASP A 126 -15.91 -4.81 -3.35
C ASP A 126 -17.34 -5.23 -3.14
N VAL A 127 -17.71 -5.37 -1.87
CA VAL A 127 -19.08 -5.69 -1.45
C VAL A 127 -19.64 -4.58 -0.55
N GLY A 128 -20.97 -4.50 -0.52
CA GLY A 128 -21.64 -3.56 0.36
C GLY A 128 -21.93 -4.18 1.72
N PRO A 129 -22.71 -3.47 2.55
CA PRO A 129 -23.05 -3.93 3.89
C PRO A 129 -23.79 -5.26 3.90
N ASP A 130 -24.51 -5.56 2.83
CA ASP A 130 -25.26 -6.81 2.72
C ASP A 130 -24.40 -7.92 2.13
N GLY A 131 -23.17 -7.58 1.77
CA GLY A 131 -22.24 -8.56 1.24
C GLY A 131 -22.40 -8.90 -0.23
N ARG A 132 -23.24 -8.14 -0.93
CA ARG A 132 -23.42 -8.35 -2.35
C ARG A 132 -22.34 -7.64 -3.14
N LEU A 133 -21.93 -8.24 -4.25
CA LEU A 133 -20.87 -7.69 -5.08
C LEU A 133 -21.22 -6.30 -5.58
N LEU A 134 -20.34 -5.35 -5.34
CA LEU A 134 -20.52 -3.99 -5.84
C LEU A 134 -19.66 -3.79 -7.08
N ARG A 135 -18.46 -4.35 -7.04
CA ARG A 135 -17.52 -4.13 -8.14
C ARG A 135 -16.43 -5.17 -8.12
N GLY A 136 -16.01 -5.63 -9.29
CA GLY A 136 -14.86 -6.52 -9.39
C GLY A 136 -13.73 -5.84 -10.13
N HIS A 137 -12.50 -6.24 -9.80
CA HIS A 137 -11.30 -5.73 -10.44
C HIS A 137 -10.38 -6.87 -10.79
N ASP A 138 -9.68 -6.76 -11.91
CA ASP A 138 -8.69 -7.75 -12.29
C ASP A 138 -7.80 -7.10 -13.33
N GLN A 139 -6.64 -6.60 -12.92
CA GLN A 139 -5.82 -5.82 -13.85
C GLN A 139 -4.34 -6.01 -13.64
N TYR A 140 -3.58 -5.44 -14.56
CA TYR A 140 -2.16 -5.70 -14.70
C TYR A 140 -1.39 -4.49 -15.17
N ALA A 141 -0.15 -4.41 -14.68
CA ALA A 141 0.81 -3.41 -15.11
C ALA A 141 2.15 -4.06 -15.45
N TYR A 142 2.83 -3.51 -16.44
CA TYR A 142 4.16 -3.96 -16.82
C TYR A 142 5.13 -2.79 -16.71
N ASP A 143 6.20 -3.01 -15.98
CA ASP A 143 7.19 -1.97 -15.68
C ASP A 143 6.53 -0.67 -15.18
N GLY A 144 5.51 -0.83 -14.34
CA GLY A 144 4.89 0.29 -13.64
C GLY A 144 3.74 0.94 -14.39
N LYS A 145 3.48 0.52 -15.61
CA LYS A 145 2.45 1.16 -16.42
C LYS A 145 1.31 0.21 -16.70
N ASP A 146 0.08 0.74 -16.63
CA ASP A 146 -1.10 -0.06 -16.92
C ASP A 146 -0.95 -0.81 -18.22
N TYR A 147 -1.29 -2.08 -18.17
CA TYR A 147 -1.12 -2.99 -19.30
C TYR A 147 -2.48 -3.46 -19.77
N ILE A 148 -3.23 -4.14 -18.89
CA ILE A 148 -4.55 -4.60 -19.34
C ILE A 148 -5.46 -4.68 -18.14
N ALA A 149 -6.74 -4.42 -18.33
CA ALA A 149 -7.66 -4.46 -17.21
C ALA A 149 -8.98 -5.07 -17.62
N LEU A 150 -9.57 -5.87 -16.74
CA LEU A 150 -10.91 -6.36 -16.92
C LEU A 150 -11.86 -5.20 -16.71
N ASN A 151 -12.78 -5.00 -17.65
CA ASN A 151 -13.74 -3.91 -17.56
C ASN A 151 -14.76 -4.18 -16.46
N GLU A 152 -15.48 -3.13 -16.06
CA GLU A 152 -16.45 -3.25 -14.98
C GLU A 152 -17.51 -4.32 -15.25
N ASP A 153 -17.82 -4.57 -16.51
CA ASP A 153 -18.80 -5.62 -16.83
C ASP A 153 -18.31 -7.05 -16.57
N LEU A 154 -17.01 -7.18 -16.28
CA LEU A 154 -16.38 -8.47 -16.03
C LEU A 154 -16.46 -9.42 -17.23
N ARG A 155 -16.63 -8.87 -18.44
CA ARG A 155 -16.78 -9.71 -19.63
C ARG A 155 -15.79 -9.32 -20.74
N SER A 156 -15.21 -8.14 -20.64
CA SER A 156 -14.31 -7.65 -21.68
C SER A 156 -13.10 -6.95 -21.08
N TRP A 157 -12.08 -6.78 -21.90
CA TRP A 157 -10.81 -6.21 -21.47
C TRP A 157 -10.52 -4.88 -22.14
N THR A 158 -9.79 -4.01 -21.44
CA THR A 158 -9.22 -2.81 -22.03
C THR A 158 -7.70 -2.95 -22.04
N ALA A 159 -7.14 -2.95 -23.25
CA ALA A 159 -5.69 -3.03 -23.46
C ALA A 159 -5.08 -1.64 -23.62
N ALA A 160 -3.94 -1.41 -22.97
CA ALA A 160 -3.34 -0.07 -22.95
C ALA A 160 -2.54 0.23 -24.22
N ASP A 161 -2.12 -0.81 -24.92
CA ASP A 161 -1.27 -0.64 -26.10
C ASP A 161 -1.32 -1.86 -27.00
N THR A 162 -0.54 -1.84 -28.08
CA THR A 162 -0.63 -2.92 -29.05
C THR A 162 -0.08 -4.24 -28.52
N ALA A 163 0.82 -4.17 -27.54
CA ALA A 163 1.30 -5.37 -26.88
C ALA A 163 0.17 -6.02 -26.08
N ALA A 164 -0.53 -5.21 -25.28
CA ALA A 164 -1.61 -5.74 -24.48
C ALA A 164 -2.77 -6.23 -25.34
N GLN A 165 -2.85 -5.74 -26.58
CA GLN A 165 -3.86 -6.24 -27.49
C GLN A 165 -3.62 -7.71 -27.83
N ILE A 166 -2.35 -8.13 -27.84
CA ILE A 166 -2.05 -9.54 -28.04
C ILE A 166 -2.60 -10.39 -26.89
N THR A 167 -2.34 -9.95 -25.66
CA THR A 167 -2.90 -10.59 -24.48
C THR A 167 -4.43 -10.62 -24.56
N GLN A 168 -5.01 -9.50 -24.98
CA GLN A 168 -6.45 -9.41 -25.07
C GLN A 168 -7.02 -10.43 -26.06
N ARG A 169 -6.43 -10.53 -27.25
CA ARG A 169 -6.89 -11.49 -28.24
C ARG A 169 -6.75 -12.90 -27.71
N LYS A 170 -5.63 -13.17 -27.03
CA LYS A 170 -5.41 -14.49 -26.47
C LYS A 170 -6.49 -14.84 -25.44
N TRP A 171 -6.85 -13.86 -24.62
CA TRP A 171 -7.79 -14.12 -23.54
C TRP A 171 -9.22 -14.19 -24.06
N GLU A 172 -9.47 -13.50 -25.17
CA GLU A 172 -10.77 -13.60 -25.80
C GLU A 172 -10.93 -14.98 -26.40
N ALA A 173 -9.88 -15.45 -27.09
CA ALA A 173 -9.90 -16.79 -27.65
C ALA A 173 -10.15 -17.84 -26.56
N ALA A 174 -9.60 -17.61 -25.38
CA ALA A 174 -9.68 -18.58 -24.30
C ALA A 174 -10.88 -18.38 -23.37
N ARG A 175 -11.68 -17.34 -23.63
CA ARG A 175 -12.80 -16.98 -22.77
C ARG A 175 -12.33 -16.86 -21.31
N GLU A 176 -11.17 -16.23 -21.13
CA GLU A 176 -10.55 -16.07 -19.81
C GLU A 176 -11.39 -15.21 -18.86
N ALA A 177 -12.02 -14.19 -19.42
CA ALA A 177 -12.81 -13.27 -18.62
C ALA A 177 -13.91 -14.02 -17.88
N GLU A 178 -14.43 -15.09 -18.47
CA GLU A 178 -15.48 -15.84 -17.79
C GLU A 178 -14.97 -16.48 -16.49
N GLN A 179 -13.73 -16.95 -16.50
CA GLN A 179 -13.10 -17.50 -15.30
C GLN A 179 -12.87 -16.40 -14.26
N ARG A 180 -12.38 -15.26 -14.74
CA ARG A 180 -12.19 -14.13 -13.83
C ARG A 180 -13.51 -13.70 -13.16
N ARG A 181 -14.55 -13.58 -13.98
CA ARG A 181 -15.87 -13.20 -13.49
C ARG A 181 -16.39 -14.23 -12.49
N ALA A 182 -16.23 -15.51 -12.83
CA ALA A 182 -16.66 -16.57 -11.93
C ALA A 182 -15.99 -16.44 -10.56
N TYR A 183 -14.70 -16.14 -10.55
CA TYR A 183 -14.05 -15.91 -9.26
C TYR A 183 -14.60 -14.69 -8.55
N LEU A 184 -14.70 -13.57 -9.26
CA LEU A 184 -15.05 -12.31 -8.62
C LEU A 184 -16.45 -12.31 -8.01
N GLU A 185 -17.39 -12.92 -8.72
CA GLU A 185 -18.78 -12.97 -8.25
C GLU A 185 -19.01 -14.11 -7.26
N GLY A 186 -18.15 -15.11 -7.32
CA GLY A 186 -18.32 -16.31 -6.51
C GLY A 186 -17.39 -16.33 -5.31
N GLU A 187 -16.28 -17.04 -5.47
CA GLU A 187 -15.33 -17.29 -4.39
C GLU A 187 -14.81 -16.02 -3.71
N CYS A 188 -14.58 -14.98 -4.49
CA CYS A 188 -14.04 -13.74 -3.93
C CYS A 188 -15.00 -13.16 -2.90
N VAL A 189 -16.27 -13.05 -3.28
CA VAL A 189 -17.30 -12.49 -2.41
C VAL A 189 -17.50 -13.37 -1.17
N GLU A 190 -17.51 -14.69 -1.36
CA GLU A 190 -17.76 -15.59 -0.24
C GLU A 190 -16.60 -15.61 0.76
N TRP A 191 -15.38 -15.58 0.25
CA TRP A 191 -14.23 -15.51 1.14
C TRP A 191 -14.21 -14.17 1.87
N LEU A 192 -14.50 -13.08 1.16
CA LEU A 192 -14.57 -11.77 1.83
C LEU A 192 -15.63 -11.76 2.94
N ARG A 193 -16.81 -12.31 2.67
CA ARG A 193 -17.86 -12.44 3.69
C ARG A 193 -17.34 -13.20 4.91
N ARG A 194 -16.69 -14.33 4.65
CA ARG A 194 -16.13 -15.14 5.73
C ARG A 194 -15.10 -14.37 6.58
N TYR A 195 -14.19 -13.69 5.91
CA TYR A 195 -13.14 -12.93 6.59
C TYR A 195 -13.75 -11.81 7.42
N LEU A 196 -14.75 -11.14 6.86
CA LEU A 196 -15.42 -10.05 7.55
C LEU A 196 -16.09 -10.60 8.80
N GLU A 197 -16.67 -11.80 8.70
CA GLU A 197 -17.29 -12.42 9.86
C GLU A 197 -16.25 -12.75 10.93
N ASN A 198 -15.17 -13.43 10.53
CA ASN A 198 -14.17 -13.90 11.48
C ASN A 198 -13.31 -12.79 12.08
N GLY A 199 -13.11 -11.71 11.32
CA GLY A 199 -12.28 -10.62 11.78
C GLY A 199 -13.07 -9.36 12.10
N LYS A 200 -14.36 -9.51 12.36
CA LYS A 200 -15.24 -8.36 12.49
C LYS A 200 -14.82 -7.36 13.57
N ASP A 201 -14.20 -7.84 14.65
CA ASP A 201 -13.77 -6.94 15.73
C ASP A 201 -12.81 -5.87 15.23
N LYS A 202 -12.06 -6.19 14.18
CA LYS A 202 -11.11 -5.25 13.60
C LYS A 202 -11.60 -4.70 12.27
N LEU A 203 -12.05 -5.60 11.39
CA LEU A 203 -12.39 -5.21 10.03
C LEU A 203 -13.64 -4.35 9.96
N GLU A 204 -14.54 -4.52 10.92
CA GLU A 204 -15.80 -3.76 10.94
C GLU A 204 -15.73 -2.64 11.96
N ARG A 205 -14.52 -2.34 12.43
CA ARG A 205 -14.33 -1.27 13.40
C ARG A 205 -13.56 -0.10 12.81
N ALA A 206 -14.18 1.06 12.80
CA ALA A 206 -13.50 2.29 12.42
C ALA A 206 -12.94 2.95 13.67
N ASP A 207 -11.65 3.27 13.62
CA ASP A 207 -11.02 3.99 14.73
C ASP A 207 -10.90 5.45 14.32
N PRO A 208 -11.57 6.35 15.05
CA PRO A 208 -11.51 7.78 14.68
C PRO A 208 -10.15 8.40 14.92
N PRO A 209 -9.84 9.47 14.17
CA PRO A 209 -8.57 10.16 14.38
C PRO A 209 -8.54 10.90 15.71
N LYS A 210 -7.39 10.85 16.37
CA LYS A 210 -7.08 11.71 17.50
C LYS A 210 -6.46 12.96 16.91
N THR A 211 -6.97 14.13 17.25
CA THR A 211 -6.59 15.35 16.53
C THR A 211 -6.13 16.47 17.44
N HIS A 212 -5.12 17.21 16.97
CA HIS A 212 -4.67 18.41 17.65
C HIS A 212 -3.98 19.35 16.69
N VAL A 213 -3.88 20.62 17.07
CA VAL A 213 -3.18 21.63 16.27
C VAL A 213 -1.94 22.12 17.00
N THR A 214 -0.81 22.13 16.29
CA THR A 214 0.43 22.68 16.85
C THR A 214 0.81 23.98 16.16
N HIS A 215 1.62 24.77 16.85
CA HIS A 215 2.00 26.12 16.43
C HIS A 215 3.54 26.21 16.43
N HIS A 216 4.11 26.56 15.29
CA HIS A 216 5.57 26.61 15.14
C HIS A 216 6.01 27.94 14.54
N PRO A 217 6.59 28.82 15.37
CA PRO A 217 7.09 30.10 14.86
C PRO A 217 8.12 29.93 13.75
N ILE A 218 7.91 30.61 12.63
CA ILE A 218 8.84 30.59 11.51
C ILE A 218 9.76 31.79 11.61
N SER A 219 9.14 32.93 11.90
CA SER A 219 9.86 34.19 11.98
C SER A 219 8.99 35.16 12.78
N ASP A 220 9.55 36.34 13.06
CA ASP A 220 8.83 37.38 13.81
C ASP A 220 7.40 37.62 13.33
N HIS A 221 7.15 37.39 12.04
CA HIS A 221 5.87 37.76 11.47
C HIS A 221 5.08 36.57 10.93
N GLU A 222 5.60 35.35 11.11
CA GLU A 222 4.98 34.17 10.50
C GLU A 222 5.11 32.92 11.37
N ALA A 223 4.11 32.06 11.32
CA ALA A 223 4.18 30.79 12.05
C ALA A 223 3.47 29.67 11.31
N THR A 224 3.83 28.43 11.59
CA THR A 224 3.17 27.27 10.99
C THR A 224 2.09 26.76 11.93
N LEU A 225 0.90 26.55 11.40
CA LEU A 225 -0.13 25.78 12.07
C LEU A 225 -0.20 24.41 11.44
N ARG A 226 -0.02 23.37 12.25
CA ARG A 226 -0.08 22.01 11.76
C ARG A 226 -1.19 21.23 12.45
N CYS A 227 -2.11 20.73 11.65
CA CYS A 227 -3.24 19.95 12.10
C CYS A 227 -2.92 18.47 11.98
N TRP A 228 -2.99 17.76 13.11
CA TRP A 228 -2.64 16.35 13.18
C TRP A 228 -3.86 15.46 13.26
N ALA A 229 -3.77 14.32 12.58
CA ALA A 229 -4.73 13.23 12.70
C ALA A 229 -3.96 11.95 12.96
N LEU A 230 -4.18 11.34 14.12
CA LEU A 230 -3.41 10.16 14.52
C LEU A 230 -4.31 9.00 14.93
N GLY A 231 -3.82 7.78 14.70
CA GLY A 231 -4.46 6.60 15.24
C GLY A 231 -5.77 6.19 14.61
N PHE A 232 -5.98 6.55 13.34
CA PHE A 232 -7.26 6.25 12.70
C PHE A 232 -7.17 5.05 11.76
N TYR A 233 -8.32 4.40 11.57
CA TYR A 233 -8.48 3.30 10.64
C TYR A 233 -9.93 3.34 10.18
N PRO A 234 -10.18 3.14 8.88
CA PRO A 234 -9.22 2.90 7.80
C PRO A 234 -8.47 4.17 7.40
N ALA A 235 -7.65 4.08 6.36
CA ALA A 235 -6.72 5.16 6.00
C ALA A 235 -7.39 6.38 5.38
N GLU A 236 -8.52 6.17 4.71
CA GLU A 236 -9.24 7.26 4.06
C GLU A 236 -9.60 8.35 5.07
N ILE A 237 -9.15 9.56 4.79
CA ILE A 237 -9.41 10.70 5.67
C ILE A 237 -9.37 11.97 4.84
N THR A 238 -10.11 12.98 5.26
CA THR A 238 -10.04 14.29 4.62
C THR A 238 -9.60 15.31 5.65
N LEU A 239 -8.52 16.01 5.34
CA LEU A 239 -7.90 16.91 6.29
C LEU A 239 -7.60 18.24 5.60
N THR A 240 -8.33 19.30 5.96
CA THR A 240 -8.22 20.55 5.22
C THR A 240 -8.06 21.77 6.13
N TRP A 241 -7.42 22.82 5.62
CA TRP A 241 -7.42 24.10 6.32
C TRP A 241 -8.31 25.11 5.61
N GLN A 242 -8.98 25.95 6.40
CA GLN A 242 -9.75 27.06 5.90
C GLN A 242 -9.26 28.35 6.54
N ARG A 243 -9.25 29.42 5.74
CA ARG A 243 -9.00 30.76 6.23
C ARG A 243 -10.25 31.57 5.95
N ASP A 244 -10.83 32.14 7.01
CA ASP A 244 -12.12 32.82 6.94
C ASP A 244 -13.16 31.95 6.23
N GLY A 245 -13.14 30.65 6.52
CA GLY A 245 -14.10 29.73 5.94
C GLY A 245 -13.85 29.37 4.49
N GLU A 246 -12.68 29.73 3.98
CA GLU A 246 -12.32 29.46 2.59
C GLU A 246 -11.18 28.46 2.50
N ASP A 247 -11.38 27.41 1.71
CA ASP A 247 -10.40 26.34 1.58
C ASP A 247 -9.04 26.86 1.10
N GLN A 248 -7.98 26.33 1.69
CA GLN A 248 -6.63 26.76 1.39
C GLN A 248 -5.81 25.66 0.70
N THR A 249 -6.39 25.06 -0.33
CA THR A 249 -5.76 23.91 -0.99
C THR A 249 -4.34 24.21 -1.49
N GLN A 250 -4.16 25.37 -2.11
CA GLN A 250 -2.88 25.72 -2.71
C GLN A 250 -1.81 26.10 -1.68
N ASP A 251 -2.24 26.65 -0.55
CA ASP A 251 -1.29 27.09 0.47
C ASP A 251 -1.17 26.10 1.63
N THR A 252 -1.73 24.91 1.45
CA THR A 252 -1.63 23.86 2.46
C THR A 252 -0.61 22.81 2.09
N GLU A 253 0.28 22.49 3.01
CA GLU A 253 1.20 21.37 2.85
C GLU A 253 0.56 20.13 3.47
N LEU A 254 0.37 19.10 2.66
CA LEU A 254 -0.40 17.93 3.09
C LEU A 254 0.40 16.66 2.82
N VAL A 255 0.90 16.02 3.88
CA VAL A 255 1.68 14.79 3.70
C VAL A 255 0.76 13.61 3.38
N GLU A 256 1.32 12.63 2.68
CA GLU A 256 0.62 11.40 2.38
C GLU A 256 0.28 10.69 3.69
N THR A 257 -0.92 10.10 3.70
CA THR A 257 -1.32 9.27 4.82
C THR A 257 -0.32 8.14 4.99
N ARG A 258 0.10 7.92 6.23
CA ARG A 258 1.19 7.00 6.52
C ARG A 258 0.81 6.02 7.62
N PRO A 259 1.31 4.78 7.52
CA PRO A 259 1.00 3.75 8.51
C PRO A 259 1.80 3.91 9.80
N ALA A 260 1.13 3.76 10.94
CA ALA A 260 1.82 3.89 12.23
C ALA A 260 2.54 2.60 12.64
N GLY A 261 2.11 1.47 12.11
CA GLY A 261 2.69 0.18 12.47
C GLY A 261 1.85 -0.58 13.49
N ASP A 262 0.72 0.01 13.89
CA ASP A 262 -0.19 -0.64 14.83
C ASP A 262 -1.57 -0.83 14.23
N ARG A 263 -1.61 -0.92 12.89
CA ARG A 263 -2.81 -0.99 12.04
C ARG A 263 -3.35 0.39 11.67
N THR A 264 -3.07 1.40 12.49
CA THR A 264 -3.65 2.71 12.26
C THR A 264 -2.80 3.58 11.35
N PHE A 265 -3.36 4.73 11.00
CA PHE A 265 -2.72 5.67 10.09
C PHE A 265 -2.59 7.07 10.69
N GLN A 266 -1.75 7.87 10.05
CA GLN A 266 -1.47 9.24 10.47
C GLN A 266 -1.50 10.18 9.28
N LYS A 267 -1.78 11.45 9.53
CA LYS A 267 -1.71 12.45 8.49
C LYS A 267 -1.63 13.82 9.13
N TRP A 268 -0.97 14.77 8.49
CA TRP A 268 -1.10 16.14 8.92
C TRP A 268 -1.19 17.11 7.77
N ALA A 269 -1.68 18.31 8.07
CA ALA A 269 -1.80 19.38 7.10
C ALA A 269 -1.33 20.67 7.75
N ALA A 270 -0.53 21.45 7.05
CA ALA A 270 0.03 22.66 7.65
C ALA A 270 -0.19 23.88 6.78
N VAL A 271 -0.38 25.02 7.42
CA VAL A 271 -0.45 26.30 6.73
C VAL A 271 0.45 27.32 7.41
N VAL A 272 0.98 28.25 6.63
CA VAL A 272 1.76 29.36 7.17
C VAL A 272 0.85 30.55 7.37
N VAL A 273 0.81 31.05 8.61
CA VAL A 273 -0.10 32.12 8.98
C VAL A 273 0.62 33.36 9.49
N PRO A 274 0.12 34.54 9.11
CA PRO A 274 0.64 35.80 9.63
C PRO A 274 0.42 35.88 11.13
N SER A 275 1.40 36.41 11.86
CA SER A 275 1.28 36.53 13.30
C SER A 275 0.00 37.29 13.69
N GLY A 276 -0.72 36.74 14.66
CA GLY A 276 -1.92 37.38 15.16
C GLY A 276 -3.19 36.96 14.44
N GLU A 277 -3.04 36.32 13.29
CA GLU A 277 -4.21 35.92 12.49
C GLU A 277 -4.61 34.46 12.70
N GLU A 278 -4.04 33.82 13.69
CA GLU A 278 -4.26 32.38 13.92
C GLU A 278 -5.74 31.95 14.06
N GLN A 279 -6.58 32.78 14.66
CA GLN A 279 -7.95 32.38 14.92
C GLN A 279 -8.84 32.46 13.68
N ARG A 280 -8.30 32.97 12.58
CA ARG A 280 -9.03 32.96 11.32
C ARG A 280 -8.89 31.63 10.60
N TYR A 281 -8.05 30.75 11.13
CA TYR A 281 -7.77 29.47 10.50
C TYR A 281 -8.44 28.32 11.23
N THR A 282 -9.13 27.46 10.48
CA THR A 282 -9.77 26.28 11.04
C THR A 282 -9.36 25.02 10.29
N CYS A 283 -9.16 23.94 11.03
CA CYS A 283 -8.83 22.65 10.46
C CYS A 283 -10.05 21.76 10.46
N HIS A 284 -10.30 21.11 9.34
CA HIS A 284 -11.49 20.31 9.16
C HIS A 284 -11.11 18.85 8.92
N VAL A 285 -11.71 17.97 9.73
CA VAL A 285 -11.40 16.55 9.67
C VAL A 285 -12.64 15.73 9.35
N GLN A 286 -12.58 14.95 8.27
CA GLN A 286 -13.63 14.00 7.96
C GLN A 286 -13.05 12.59 7.97
N HIS A 287 -13.72 11.69 8.67
CA HIS A 287 -13.31 10.30 8.74
C HIS A 287 -14.54 9.46 9.06
N GLU A 288 -14.57 8.22 8.59
CA GLU A 288 -15.79 7.44 8.76
C GLU A 288 -16.04 7.08 10.22
N GLY A 289 -14.99 7.15 11.04
CA GLY A 289 -15.11 6.95 12.48
C GLY A 289 -15.66 8.17 13.19
N LEU A 290 -15.85 9.25 12.44
CA LEU A 290 -16.41 10.49 13.00
C LEU A 290 -17.85 10.70 12.55
N PRO A 291 -18.80 10.62 13.50
CA PRO A 291 -20.22 10.85 13.23
C PRO A 291 -20.47 12.18 12.52
N LYS A 292 -19.81 13.23 12.99
CA LYS A 292 -19.81 14.52 12.31
C LYS A 292 -18.37 15.03 12.20
N PRO A 293 -18.06 15.71 11.09
CA PRO A 293 -16.71 16.25 10.85
C PRO A 293 -16.24 17.18 11.96
N LEU A 294 -14.96 17.06 12.32
CA LEU A 294 -14.37 17.91 13.34
C LEU A 294 -13.92 19.25 12.78
N THR A 295 -14.03 20.29 13.61
CA THR A 295 -13.44 21.58 13.35
C THR A 295 -12.53 21.97 14.50
N LEU A 296 -11.26 22.19 14.20
CA LEU A 296 -10.27 22.51 15.22
C LEU A 296 -9.60 23.84 14.97
N ARG A 297 -9.17 24.50 16.03
CA ARG A 297 -8.37 25.70 15.92
C ARG A 297 -7.13 25.54 16.78
N TRP A 298 -6.16 26.43 16.58
CA TRP A 298 -5.02 26.45 17.49
C TRP A 298 -5.58 26.74 18.87
N GLU A 299 -5.01 26.07 19.87
CA GLU A 299 -5.51 26.00 21.26
C GLU A 299 -7.04 25.92 21.31
N ILE B 21 10.38 3.99 -17.61
CA ILE B 21 10.01 5.11 -16.73
C ILE B 21 10.05 4.69 -15.27
N GLN B 22 10.78 5.47 -14.47
CA GLN B 22 10.96 5.16 -13.06
C GLN B 22 10.33 6.22 -12.18
N ARG B 23 10.10 5.88 -10.92
CA ARG B 23 9.51 6.81 -9.96
C ARG B 23 10.32 6.82 -8.68
N THR B 24 10.68 8.02 -8.23
CA THR B 24 11.55 8.16 -7.08
C THR B 24 10.73 8.07 -5.79
N PRO B 25 11.33 7.50 -4.73
CA PRO B 25 10.56 7.36 -3.50
C PRO B 25 10.28 8.65 -2.74
N LYS B 26 9.04 8.77 -2.28
CA LYS B 26 8.68 9.68 -1.21
C LYS B 26 9.12 9.04 0.10
N ILE B 27 9.62 9.86 1.01
CA ILE B 27 10.14 9.39 2.28
C ILE B 27 9.56 10.16 3.45
N GLN B 28 9.04 9.44 4.44
CA GLN B 28 8.64 10.08 5.70
C GLN B 28 9.26 9.36 6.89
N VAL B 29 9.81 10.13 7.82
CA VAL B 29 10.39 9.57 9.03
C VAL B 29 9.60 10.09 10.21
N TYR B 30 9.17 9.19 11.10
CA TYR B 30 8.23 9.58 12.14
C TYR B 30 8.04 8.49 13.19
N SER B 31 7.44 8.84 14.31
CA SER B 31 7.21 7.86 15.38
C SER B 31 5.79 7.31 15.36
N ARG B 32 5.63 6.10 15.88
CA ARG B 32 4.32 5.46 15.97
C ARG B 32 3.38 6.25 16.87
N HIS B 33 3.91 6.76 17.98
CA HIS B 33 3.16 7.59 18.91
C HIS B 33 3.87 8.92 19.08
N PRO B 34 3.15 9.97 19.52
CA PRO B 34 3.80 11.24 19.82
C PRO B 34 5.02 11.05 20.72
N ALA B 35 6.16 11.55 20.27
CA ALA B 35 7.42 11.27 20.94
C ALA B 35 7.44 11.84 22.36
N GLU B 36 7.91 11.02 23.30
CA GLU B 36 8.13 11.48 24.67
C GLU B 36 9.47 10.95 25.15
N ASN B 37 10.37 11.89 25.49
CA ASN B 37 11.71 11.54 25.93
C ASN B 37 11.69 10.57 27.11
N GLY B 38 12.27 9.40 26.92
CA GLY B 38 12.34 8.40 27.96
C GLY B 38 11.34 7.27 27.81
N LYS B 39 10.38 7.44 26.91
CA LYS B 39 9.31 6.45 26.72
C LYS B 39 9.52 5.62 25.45
N SER B 40 9.34 4.31 25.57
CA SER B 40 9.51 3.41 24.42
C SER B 40 8.46 3.66 23.34
N ASN B 41 8.85 3.44 22.09
CA ASN B 41 8.11 3.90 20.93
C ASN B 41 8.65 3.17 19.71
N PHE B 42 8.10 3.46 18.54
CA PHE B 42 8.61 2.82 17.33
C PHE B 42 8.96 3.91 16.31
N LEU B 43 10.16 3.82 15.76
CA LEU B 43 10.64 4.71 14.72
C LEU B 43 10.37 4.10 13.36
N ASN B 44 9.61 4.84 12.56
CA ASN B 44 9.21 4.46 11.21
C ASN B 44 9.88 5.27 10.10
N CYS B 45 10.26 4.57 9.05
CA CYS B 45 10.56 5.20 7.77
C CYS B 45 9.64 4.59 6.73
N TYR B 46 8.74 5.41 6.22
CA TYR B 46 7.79 5.00 5.20
C TYR B 46 8.26 5.49 3.83
N VAL B 47 8.55 4.55 2.95
CA VAL B 47 8.95 4.87 1.58
C VAL B 47 7.82 4.46 0.65
N SER B 48 7.45 5.35 -0.26
CA SER B 48 6.29 5.06 -1.09
C SER B 48 6.41 5.73 -2.44
N GLY B 49 5.52 5.39 -3.36
CA GLY B 49 5.50 6.05 -4.65
C GLY B 49 6.63 5.71 -5.59
N PHE B 50 7.38 4.66 -5.29
CA PHE B 50 8.54 4.36 -6.12
C PHE B 50 8.33 3.19 -7.08
N HIS B 51 9.18 3.15 -8.11
CA HIS B 51 9.19 2.09 -9.10
C HIS B 51 10.54 2.19 -9.81
N PRO B 52 11.26 1.07 -9.96
CA PRO B 52 10.93 -0.30 -9.58
C PRO B 52 11.00 -0.56 -8.07
N SER B 53 10.74 -1.81 -7.68
CA SER B 53 10.55 -2.14 -6.26
C SER B 53 11.83 -2.26 -5.44
N ASP B 54 12.96 -2.52 -6.08
CA ASP B 54 14.21 -2.64 -5.32
C ASP B 54 14.54 -1.31 -4.66
N ILE B 55 14.85 -1.36 -3.38
CA ILE B 55 15.11 -0.16 -2.61
C ILE B 55 15.87 -0.57 -1.36
N GLU B 56 16.78 0.29 -0.91
CA GLU B 56 17.49 0.00 0.32
C GLU B 56 17.19 1.10 1.31
N VAL B 57 16.81 0.70 2.51
CA VAL B 57 16.46 1.64 3.56
C VAL B 57 17.20 1.31 4.84
N ASP B 58 17.86 2.32 5.40
CA ASP B 58 18.51 2.24 6.70
C ASP B 58 17.84 3.17 7.69
N LEU B 59 17.75 2.75 8.94
CA LEU B 59 17.42 3.66 10.01
C LEU B 59 18.71 3.98 10.76
N LEU B 60 18.93 5.27 11.00
CA LEU B 60 20.17 5.75 11.61
C LEU B 60 19.92 6.34 12.98
N LYS B 61 20.77 5.94 13.94
CA LYS B 61 20.83 6.56 15.25
C LYS B 61 22.18 7.26 15.38
N ASN B 62 22.15 8.57 15.50
CA ASN B 62 23.35 9.40 15.53
C ASN B 62 24.29 9.05 14.39
N GLY B 63 23.73 8.95 13.18
CA GLY B 63 24.51 8.73 11.97
C GLY B 63 24.88 7.29 11.65
N GLU B 64 24.67 6.39 12.61
CA GLU B 64 25.07 5.00 12.43
C GLU B 64 23.86 4.08 12.22
N ARG B 65 24.05 3.02 11.46
CA ARG B 65 22.95 2.15 11.08
C ARG B 65 22.42 1.32 12.24
N ILE B 66 21.10 1.35 12.43
CA ILE B 66 20.44 0.55 13.43
C ILE B 66 20.29 -0.88 12.91
N GLU B 67 20.63 -1.85 13.75
CA GLU B 67 20.60 -3.25 13.35
C GLU B 67 19.24 -3.90 13.53
N LYS B 68 18.97 -4.92 12.71
CA LYS B 68 17.77 -5.74 12.81
C LYS B 68 16.49 -4.94 12.61
N VAL B 69 16.53 -3.97 11.71
CA VAL B 69 15.34 -3.21 11.40
C VAL B 69 14.40 -4.08 10.57
N GLU B 70 13.14 -4.13 10.98
CA GLU B 70 12.14 -4.92 10.26
C GLU B 70 11.42 -4.07 9.22
N HIS B 71 10.79 -4.74 8.26
CA HIS B 71 9.97 -4.03 7.29
C HIS B 71 8.74 -4.82 6.91
N SER B 72 7.75 -4.08 6.41
CA SER B 72 6.51 -4.67 5.90
C SER B 72 6.76 -5.48 4.63
N ASP B 73 5.77 -6.28 4.28
CA ASP B 73 5.79 -7.02 3.02
C ASP B 73 5.55 -6.09 1.83
N LEU B 74 6.30 -6.32 0.76
CA LEU B 74 6.18 -5.47 -0.42
C LEU B 74 4.76 -5.44 -0.95
N SER B 75 4.23 -4.24 -1.12
CA SER B 75 2.90 -4.08 -1.68
C SER B 75 2.91 -2.81 -2.52
N PHE B 76 1.79 -2.50 -3.14
CA PHE B 76 1.76 -1.33 -3.99
C PHE B 76 0.38 -0.69 -4.03
N SER B 77 0.36 0.57 -4.46
CA SER B 77 -0.84 1.39 -4.49
C SER B 77 -1.59 1.23 -5.82
N LYS B 78 -2.72 1.92 -5.92
CA LYS B 78 -3.56 1.84 -7.12
C LYS B 78 -2.85 2.32 -8.38
N ASP B 79 -1.84 3.18 -8.20
CA ASP B 79 -1.09 3.67 -9.35
C ASP B 79 0.13 2.80 -9.63
N TRP B 80 0.16 1.64 -8.97
CA TRP B 80 1.18 0.60 -9.15
C TRP B 80 2.51 0.91 -8.48
N SER B 81 2.60 2.07 -7.82
CA SER B 81 3.86 2.41 -7.15
C SER B 81 3.94 1.67 -5.81
N PHE B 82 5.16 1.28 -5.47
CA PHE B 82 5.39 0.43 -4.32
C PHE B 82 5.48 1.24 -3.03
N TYR B 83 5.25 0.55 -1.92
CA TYR B 83 5.47 1.16 -0.62
C TYR B 83 5.93 0.12 0.38
N LEU B 84 6.77 0.58 1.31
CA LEU B 84 7.30 -0.24 2.39
C LEU B 84 7.38 0.60 3.66
N LEU B 85 7.15 -0.05 4.79
CA LEU B 85 7.40 0.55 6.10
C LEU B 85 8.56 -0.16 6.79
N TYR B 86 9.60 0.60 7.11
CA TYR B 86 10.72 0.10 7.91
C TYR B 86 10.54 0.62 9.32
N TYR B 87 10.81 -0.20 10.32
CA TYR B 87 10.53 0.22 11.68
C TYR B 87 11.43 -0.46 12.70
N THR B 88 11.68 0.24 13.80
CA THR B 88 12.43 -0.34 14.90
C THR B 88 12.00 0.29 16.21
N GLU B 89 12.14 -0.43 17.32
CA GLU B 89 11.80 0.15 18.60
C GLU B 89 12.87 1.17 18.98
N PHE B 90 12.44 2.33 19.48
CA PHE B 90 13.37 3.34 19.95
C PHE B 90 12.84 3.96 21.23
N THR B 91 13.76 4.48 22.03
CA THR B 91 13.39 5.33 23.16
C THR B 91 14.05 6.68 22.92
N PRO B 92 13.27 7.64 22.43
CA PRO B 92 13.79 8.96 22.08
C PRO B 92 14.29 9.74 23.28
N THR B 93 15.38 10.47 23.10
CA THR B 93 15.88 11.42 24.08
C THR B 93 16.03 12.76 23.38
N GLU B 94 16.42 13.79 24.12
CA GLU B 94 16.65 15.09 23.48
C GLU B 94 18.01 15.12 22.78
N LYS B 95 18.91 14.26 23.23
CA LYS B 95 20.25 14.17 22.68
C LYS B 95 20.29 13.48 21.31
N ASP B 96 19.66 12.31 21.23
CA ASP B 96 19.83 11.41 20.09
C ASP B 96 19.15 11.90 18.82
N GLU B 97 19.92 11.85 17.73
CA GLU B 97 19.42 12.20 16.41
C GLU B 97 19.07 10.92 15.66
N TYR B 98 17.94 10.92 14.99
CA TYR B 98 17.53 9.78 14.20
C TYR B 98 17.27 10.21 12.76
N ALA B 99 17.47 9.28 11.84
CA ALA B 99 17.27 9.57 10.44
C ALA B 99 16.93 8.32 9.66
N CYS B 100 16.49 8.51 8.42
CA CYS B 100 16.29 7.41 7.49
C CYS B 100 17.14 7.68 6.26
N ARG B 101 17.83 6.65 5.78
CA ARG B 101 18.69 6.76 4.61
C ARG B 101 18.19 5.83 3.53
N VAL B 102 17.91 6.38 2.36
CA VAL B 102 17.26 5.64 1.30
C VAL B 102 18.08 5.64 0.02
N ASN B 103 18.22 4.46 -0.57
CA ASN B 103 18.84 4.29 -1.86
C ASN B 103 17.87 3.66 -2.84
N HIS B 104 17.91 4.15 -4.07
CA HIS B 104 17.02 3.72 -5.13
C HIS B 104 17.70 4.06 -6.46
N VAL B 105 17.36 3.33 -7.52
CA VAL B 105 17.98 3.55 -8.82
C VAL B 105 17.82 5.00 -9.28
N THR B 106 16.72 5.63 -8.88
CA THR B 106 16.42 7.00 -9.30
C THR B 106 17.27 8.05 -8.57
N LEU B 107 18.03 7.61 -7.58
CA LEU B 107 18.83 8.53 -6.77
C LEU B 107 20.32 8.35 -7.07
N SER B 108 21.02 9.46 -7.29
CA SER B 108 22.44 9.40 -7.58
C SER B 108 23.23 9.14 -6.30
N GLN B 109 22.75 9.73 -5.20
CA GLN B 109 23.36 9.54 -3.89
C GLN B 109 22.28 9.08 -2.91
N PRO B 110 22.67 8.52 -1.76
CA PRO B 110 21.64 8.22 -0.76
C PRO B 110 20.93 9.47 -0.29
N LYS B 111 19.64 9.36 -0.05
CA LYS B 111 18.85 10.46 0.47
C LYS B 111 18.60 10.26 1.96
N ILE B 112 18.99 11.25 2.75
CA ILE B 112 18.80 11.18 4.19
C ILE B 112 17.72 12.16 4.61
N VAL B 113 16.74 11.65 5.35
CA VAL B 113 15.70 12.50 5.92
C VAL B 113 15.78 12.37 7.44
N LYS B 114 15.93 13.51 8.10
CA LYS B 114 16.08 13.53 9.55
C LYS B 114 14.74 13.36 10.22
N TRP B 115 14.73 12.69 11.37
CA TRP B 115 13.52 12.62 12.18
C TRP B 115 13.32 13.95 12.91
N ASP B 116 12.17 14.55 12.65
CA ASP B 116 11.74 15.77 13.32
C ASP B 116 10.41 15.42 13.96
N ARG B 117 10.34 15.40 15.30
CA ARG B 117 9.12 14.90 15.92
C ARG B 117 7.93 15.84 15.76
N ASP B 118 8.17 17.01 15.17
CA ASP B 118 7.07 17.93 14.84
C ASP B 118 6.46 17.61 13.49
N MET B 119 6.91 16.53 12.85
CA MET B 119 6.48 16.24 11.48
C MET B 119 6.23 14.76 11.19
N ALA C 1 -9.33 -15.80 -0.23
CA ALA C 1 -8.44 -16.77 -0.88
C ALA C 1 -8.18 -16.36 -2.33
N PRO C 2 -6.95 -16.61 -2.82
CA PRO C 2 -6.56 -16.23 -4.17
C PRO C 2 -7.29 -17.04 -5.24
N ARG C 3 -7.36 -16.49 -6.45
CA ARG C 3 -7.97 -17.16 -7.58
CA ARG C 3 -7.99 -17.18 -7.56
C ARG C 3 -7.12 -18.32 -8.08
N GLY C 4 -7.69 -19.51 -8.12
CA GLY C 4 -7.00 -20.71 -8.56
C GLY C 4 -7.03 -20.86 -10.06
N PRO C 5 -6.07 -21.61 -10.61
CA PRO C 5 -5.71 -21.64 -12.03
C PRO C 5 -6.57 -22.57 -12.87
N HIS C 6 -7.80 -22.82 -12.44
N HIS C 6 -7.79 -22.85 -12.42
CA HIS C 6 -8.70 -23.71 -13.15
CA HIS C 6 -8.68 -23.74 -13.16
C HIS C 6 -9.01 -23.19 -14.55
C HIS C 6 -8.99 -23.18 -14.54
N GLY C 7 -8.27 -23.67 -15.53
CA GLY C 7 -8.41 -23.22 -16.90
C GLY C 7 -7.80 -24.18 -17.91
N GLY C 8 -6.47 -24.27 -17.95
CA GLY C 8 -5.60 -23.51 -17.06
C GLY C 8 -4.26 -23.24 -17.70
N ALA C 9 -4.16 -23.48 -18.99
CA ALA C 9 -2.93 -23.21 -19.74
C ALA C 9 -3.03 -21.87 -20.46
N ALA C 10 -4.03 -21.08 -20.11
CA ALA C 10 -4.32 -19.85 -20.86
C ALA C 10 -4.46 -18.60 -19.99
N SER C 11 -4.19 -18.73 -18.69
CA SER C 11 -4.37 -17.61 -17.78
C SER C 11 -3.19 -16.63 -17.80
N GLY C 12 -2.14 -16.98 -18.53
CA GLY C 12 -0.97 -16.12 -18.64
C GLY C 12 -1.13 -15.01 -19.67
N LEU C 13 -0.21 -14.05 -19.66
CA LEU C 13 -0.32 -12.86 -20.51
C LEU C 13 0.32 -13.10 -21.87
#